data_1HIX
#
_entry.id   1HIX
#
_cell.length_a   71.493
_cell.length_b   71.493
_cell.length_c   130.298
_cell.angle_alpha   90.00
_cell.angle_beta   90.00
_cell.angle_gamma   120.00
#
_symmetry.space_group_name_H-M   'P 3 2 1'
#
loop_
_entity.id
_entity.type
_entity.pdbx_description
1 polymer ENDO-1,4-BETA-XYLANASE
2 water water
#
_entity_poly.entity_id   1
_entity_poly.type   'polypeptide(L)'
_entity_poly.pdbx_seq_one_letter_code
;DTVITTNQTGTNNGYYYSFWTDGGGSVSMNLASGGSYGTSWTNCGNFVAGKGWANGARRTVNYSGSFNPSGNAYLTLYGW
TANPLVEYYIVDNWGTYRPTGTYKGTVTSDGGTYDVYQTTRVNAPSVEGTKTFNQYWSVRQSKRTGGSITAGNHFDAWAR
YGMPLGSFNYYMIMATEGYQSSGSSSISVS
;
_entity_poly.pdbx_strand_id   A,B
#
# COMPACT_ATOMS: atom_id res chain seq x y z
N ILE A 4 7.34 21.78 12.71
CA ILE A 4 6.60 21.03 11.69
C ILE A 4 6.25 19.62 12.16
N THR A 5 5.29 19.02 11.47
CA THR A 5 4.80 17.67 11.79
C THR A 5 4.51 16.83 10.55
N THR A 6 4.86 17.32 9.35
CA THR A 6 4.50 16.58 8.15
C THR A 6 5.72 16.51 7.24
N ASN A 7 5.83 15.37 6.59
CA ASN A 7 6.99 15.05 5.77
C ASN A 7 7.30 16.23 4.85
N GLN A 8 8.57 16.57 4.77
CA GLN A 8 8.94 17.75 3.99
C GLN A 8 10.45 17.98 4.04
N THR A 9 10.85 18.88 3.17
CA THR A 9 12.23 19.26 2.89
C THR A 9 12.29 20.76 2.72
N GLY A 10 13.40 21.43 3.02
CA GLY A 10 13.50 22.85 2.70
C GLY A 10 14.73 23.47 3.33
N THR A 11 14.78 24.81 3.37
CA THR A 11 15.87 25.48 4.07
C THR A 11 15.32 26.32 5.23
N ASN A 12 16.09 26.36 6.31
CA ASN A 12 15.72 27.12 7.50
C ASN A 12 16.98 27.73 8.10
N ASN A 13 17.00 29.05 8.24
CA ASN A 13 18.17 29.74 8.78
C ASN A 13 19.42 29.48 7.94
N GLY A 14 19.24 29.23 6.65
CA GLY A 14 20.32 29.03 5.71
C GLY A 14 20.76 27.57 5.59
N TYR A 15 20.10 26.70 6.34
CA TYR A 15 20.46 25.30 6.42
C TYR A 15 19.42 24.39 5.80
N TYR A 16 19.91 23.40 5.04
CA TYR A 16 18.94 22.43 4.53
C TYR A 16 18.29 21.77 5.73
N TYR A 17 17.08 21.25 5.54
CA TYR A 17 16.46 20.45 6.59
C TYR A 17 15.53 19.46 5.91
N SER A 18 15.31 18.36 6.61
CA SER A 18 14.44 17.31 6.15
C SER A 18 13.74 16.68 7.34
N PHE A 19 12.45 16.40 7.15
CA PHE A 19 11.64 15.70 8.13
C PHE A 19 10.85 14.58 7.47
N TRP A 20 10.92 13.42 8.09
CA TRP A 20 10.20 12.25 7.62
C TRP A 20 9.83 11.35 8.80
N THR A 21 8.62 10.84 8.75
CA THR A 21 7.95 9.91 9.63
C THR A 21 6.99 9.02 8.84
N ASP A 22 6.75 7.81 9.33
CA ASP A 22 5.87 6.87 8.66
C ASP A 22 4.46 6.94 9.23
N GLY A 23 4.20 8.02 9.96
CA GLY A 23 2.91 8.29 10.55
C GLY A 23 2.77 7.83 11.98
N GLY A 24 3.59 6.86 12.37
CA GLY A 24 3.54 6.22 13.67
C GLY A 24 3.68 7.18 14.82
N GLY A 25 2.96 6.92 15.90
CA GLY A 25 2.98 7.76 17.09
C GLY A 25 2.90 9.24 16.81
N SER A 26 3.56 10.05 17.66
CA SER A 26 3.62 11.49 17.48
C SER A 26 5.07 11.93 17.35
N VAL A 27 5.38 12.69 16.32
CA VAL A 27 6.72 13.20 16.12
C VAL A 27 6.70 14.66 15.67
N SER A 28 7.49 15.48 16.36
CA SER A 28 7.58 16.87 15.94
C SER A 28 9.04 17.29 15.83
N MET A 29 9.29 18.26 14.97
CA MET A 29 10.61 18.82 14.77
C MET A 29 10.57 20.34 14.90
N ASN A 30 11.42 20.87 15.74
CA ASN A 30 11.60 22.30 15.96
C ASN A 30 12.67 22.85 15.03
N LEU A 31 12.35 23.84 14.21
CA LEU A 31 13.38 24.47 13.39
C LEU A 31 13.90 25.71 14.06
N ALA A 32 15.15 25.70 14.55
CA ALA A 32 15.59 26.85 15.34
C ALA A 32 16.67 27.64 14.61
N SER A 33 17.30 28.59 15.29
CA SER A 33 18.31 29.46 14.73
C SER A 33 19.47 28.67 14.11
N GLY A 34 19.94 29.16 12.98
CA GLY A 34 21.06 28.66 12.23
C GLY A 34 20.93 27.21 11.82
N GLY A 35 21.92 26.39 12.23
CA GLY A 35 21.88 24.97 11.96
C GLY A 35 21.09 24.20 12.98
N SER A 36 20.34 24.89 13.83
CA SER A 36 19.77 24.21 14.98
C SER A 36 18.37 23.67 14.77
N TYR A 37 18.17 22.50 15.39
CA TYR A 37 16.87 21.85 15.38
C TYR A 37 16.79 21.00 16.66
N GLY A 38 15.62 20.42 16.83
CA GLY A 38 15.27 19.50 17.88
C GLY A 38 14.14 18.60 17.39
N THR A 39 13.87 17.56 18.15
CA THR A 39 12.80 16.62 17.84
C THR A 39 12.13 16.17 19.14
N SER A 40 10.87 15.79 19.03
CA SER A 40 10.21 15.17 20.17
C SER A 40 9.31 14.06 19.64
N TRP A 41 9.19 12.95 20.35
CA TRP A 41 8.36 11.88 19.78
C TRP A 41 7.85 10.91 20.84
N THR A 42 6.70 10.30 20.58
CA THR A 42 6.11 9.34 21.49
C THR A 42 5.57 8.11 20.78
N ASN A 43 6.15 6.97 21.10
CA ASN A 43 5.78 5.68 20.52
C ASN A 43 5.73 5.75 19.01
N CYS A 44 6.74 6.35 18.41
CA CYS A 44 6.79 6.49 16.97
C CYS A 44 6.88 5.13 16.28
N GLY A 45 6.70 5.15 14.98
CA GLY A 45 7.01 3.97 14.16
C GLY A 45 8.45 4.17 13.67
N ASN A 46 8.59 4.90 12.57
CA ASN A 46 9.89 5.31 12.04
C ASN A 46 9.84 6.80 11.72
N PHE A 47 10.90 7.52 12.02
CA PHE A 47 11.07 8.90 11.59
C PHE A 47 12.56 9.19 11.41
N VAL A 48 12.84 10.12 10.53
CA VAL A 48 14.17 10.70 10.37
C VAL A 48 14.01 12.22 10.31
N ALA A 49 14.85 12.91 11.08
CA ALA A 49 14.82 14.37 11.07
C ALA A 49 16.19 14.93 11.35
N GLY A 50 16.51 16.05 10.68
CA GLY A 50 17.73 16.76 11.05
C GLY A 50 17.93 17.99 10.17
N LYS A 51 19.00 18.74 10.43
CA LYS A 51 19.44 19.82 9.57
C LYS A 51 20.80 19.51 8.96
N GLY A 52 21.01 19.98 7.74
CA GLY A 52 22.30 19.84 7.10
C GLY A 52 22.42 20.55 5.77
N TRP A 53 22.65 19.75 4.73
CA TRP A 53 22.95 20.26 3.40
C TRP A 53 22.10 19.58 2.34
N ALA A 54 21.75 20.36 1.31
CA ALA A 54 20.98 19.83 0.20
C ALA A 54 21.79 18.79 -0.55
N ASN A 55 23.10 19.00 -0.55
CA ASN A 55 24.01 18.11 -1.24
C ASN A 55 25.12 17.63 -0.30
N GLY A 56 25.41 16.33 -0.35
CA GLY A 56 26.52 15.83 0.45
C GLY A 56 27.85 16.38 -0.02
N ALA A 57 28.91 16.16 0.77
CA ALA A 57 30.23 16.63 0.40
C ALA A 57 31.26 16.13 1.40
N ARG A 58 32.52 16.19 1.02
CA ARG A 58 33.62 15.97 1.94
C ARG A 58 33.70 17.18 2.87
N ARG A 59 33.07 17.09 4.04
CA ARG A 59 33.19 18.24 4.93
C ARG A 59 33.38 17.82 6.38
N THR A 60 33.81 18.80 7.18
CA THR A 60 33.95 18.56 8.60
C THR A 60 32.69 19.10 9.31
N VAL A 61 31.89 18.16 9.79
CA VAL A 61 30.58 18.38 10.36
C VAL A 61 30.66 18.55 11.87
N ASN A 62 30.43 19.77 12.35
CA ASN A 62 30.54 20.05 13.78
C ASN A 62 29.18 20.12 14.41
N TYR A 63 28.99 19.44 15.55
CA TYR A 63 27.62 19.44 16.07
C TYR A 63 27.65 19.35 17.59
N SER A 64 26.59 19.87 18.20
CA SER A 64 26.41 19.87 19.63
C SER A 64 24.93 19.80 20.00
N GLY A 65 24.73 19.38 21.24
CA GLY A 65 23.41 19.36 21.82
C GLY A 65 23.20 18.23 22.80
N SER A 66 21.96 17.78 22.82
CA SER A 66 21.48 16.71 23.68
C SER A 66 20.71 15.68 22.86
N PHE A 67 20.79 14.43 23.30
CA PHE A 67 20.13 13.30 22.65
C PHE A 67 19.57 12.37 23.72
N ASN A 68 18.25 12.30 23.83
CA ASN A 68 17.63 11.58 24.92
C ASN A 68 16.61 10.56 24.48
N PRO A 69 17.06 9.40 24.06
CA PRO A 69 16.15 8.37 23.60
C PRO A 69 15.64 7.45 24.72
N SER A 70 14.36 7.11 24.60
CA SER A 70 13.72 6.09 25.41
C SER A 70 13.22 4.98 24.47
N GLY A 71 14.14 4.06 24.19
CA GLY A 71 13.94 3.04 23.17
C GLY A 71 14.91 3.22 22.02
N ASN A 72 14.56 2.74 20.84
CA ASN A 72 15.51 2.74 19.73
C ASN A 72 15.49 4.05 18.96
N ALA A 73 16.66 4.66 18.85
CA ALA A 73 16.93 5.90 18.17
C ALA A 73 18.41 5.99 17.85
N TYR A 74 18.76 6.66 16.76
CA TYR A 74 20.18 6.87 16.46
C TYR A 74 20.48 8.36 16.35
N LEU A 75 21.71 8.72 16.70
CA LEU A 75 22.22 10.07 16.46
C LEU A 75 23.33 9.94 15.42
N THR A 76 23.05 10.34 14.18
CA THR A 76 23.95 9.94 13.10
C THR A 76 23.98 10.90 11.94
N LEU A 77 25.18 11.12 11.40
CA LEU A 77 25.26 11.78 10.09
C LEU A 77 24.62 10.80 9.11
N TYR A 78 23.92 11.32 8.11
CA TYR A 78 23.05 10.48 7.29
C TYR A 78 22.92 11.07 5.89
N GLY A 79 23.15 10.27 4.85
CA GLY A 79 23.07 10.85 3.52
C GLY A 79 22.88 9.81 2.44
N TRP A 80 22.79 10.26 1.19
CA TRP A 80 22.70 9.36 0.05
C TRP A 80 23.59 9.84 -1.09
N THR A 81 24.01 8.86 -1.90
CA THR A 81 24.73 9.17 -3.12
C THR A 81 23.99 8.54 -4.29
N ALA A 82 24.30 8.99 -5.50
CA ALA A 82 23.82 8.29 -6.67
C ALA A 82 24.99 7.76 -7.50
N ASN A 83 24.75 6.70 -8.26
CA ASN A 83 25.76 6.12 -9.12
C ASN A 83 27.06 5.73 -8.43
N PRO A 84 27.05 4.72 -7.58
CA PRO A 84 25.85 4.00 -7.19
C PRO A 84 25.00 4.65 -6.09
N LEU A 85 23.75 4.17 -6.07
CA LEU A 85 22.83 4.55 -5.02
C LEU A 85 23.28 3.91 -3.71
N VAL A 86 23.54 4.74 -2.70
CA VAL A 86 23.90 4.19 -1.39
C VAL A 86 23.47 5.19 -0.30
N GLU A 87 22.93 4.63 0.76
CA GLU A 87 22.55 5.23 2.02
C GLU A 87 23.68 5.11 3.03
N TYR A 88 24.20 6.21 3.57
CA TYR A 88 25.30 6.04 4.51
C TYR A 88 24.90 6.60 5.88
N TYR A 89 25.54 6.02 6.90
CA TYR A 89 25.38 6.43 8.28
C TYR A 89 26.71 6.68 8.97
N ILE A 90 26.84 7.76 9.74
CA ILE A 90 27.98 7.64 10.66
C ILE A 90 27.34 8.01 12.02
N VAL A 91 27.16 7.02 12.86
CA VAL A 91 26.42 7.02 14.10
C VAL A 91 27.33 7.31 15.29
N ASP A 92 27.08 8.43 15.96
CA ASP A 92 27.84 8.82 17.15
C ASP A 92 27.15 8.32 18.41
N ASN A 93 25.82 8.21 18.34
CA ASN A 93 25.10 7.74 19.52
C ASN A 93 23.87 6.93 19.15
N TRP A 94 23.42 6.14 20.13
CA TRP A 94 22.22 5.34 19.95
C TRP A 94 21.56 4.99 21.28
N GLY A 95 20.38 4.43 21.17
CA GLY A 95 19.50 4.13 22.28
C GLY A 95 19.65 2.72 22.80
N THR A 96 18.56 1.97 22.83
CA THR A 96 18.58 0.60 23.33
C THR A 96 19.05 -0.40 22.28
N TYR A 97 19.27 0.04 21.05
CA TYR A 97 19.73 -0.86 19.99
C TYR A 97 20.97 -0.29 19.32
N ARG A 98 21.98 -1.13 19.13
CA ARG A 98 23.18 -0.67 18.44
C ARG A 98 23.08 -1.08 16.97
N PRO A 99 23.22 -0.11 16.07
CA PRO A 99 23.15 -0.41 14.64
C PRO A 99 24.29 -1.34 14.23
N THR A 100 23.98 -2.37 13.46
CA THR A 100 25.04 -3.32 13.10
C THR A 100 24.82 -3.85 11.68
N GLY A 101 25.64 -4.78 11.22
CA GLY A 101 25.47 -5.32 9.88
C GLY A 101 26.60 -6.28 9.59
N THR A 102 26.93 -6.45 8.32
CA THR A 102 28.09 -7.30 8.00
C THR A 102 29.35 -6.53 8.35
N TYR A 103 30.10 -7.08 9.30
CA TYR A 103 31.33 -6.49 9.79
C TYR A 103 32.40 -6.40 8.70
N LYS A 104 32.90 -5.20 8.44
CA LYS A 104 34.00 -5.01 7.51
C LYS A 104 35.29 -4.70 8.24
N GLY A 105 35.15 -3.94 9.34
CA GLY A 105 36.34 -3.51 10.05
C GLY A 105 36.13 -2.24 10.84
N THR A 106 37.14 -1.38 10.80
CA THR A 106 37.06 -0.18 11.64
C THR A 106 37.69 1.02 10.93
N VAL A 107 37.35 2.20 11.43
CA VAL A 107 37.96 3.46 11.05
C VAL A 107 38.07 4.33 12.30
N THR A 108 39.17 5.05 12.41
CA THR A 108 39.48 5.93 13.50
C THR A 108 39.50 7.38 13.02
N SER A 109 38.69 8.19 13.71
CA SER A 109 38.53 9.59 13.34
C SER A 109 37.94 10.39 14.49
N ASP A 110 38.30 11.66 14.57
CA ASP A 110 37.74 12.57 15.56
C ASP A 110 37.74 11.97 16.96
N GLY A 111 38.92 11.50 17.34
CA GLY A 111 39.14 10.94 18.65
C GLY A 111 38.34 9.69 18.94
N GLY A 112 37.72 9.11 17.92
CA GLY A 112 36.93 7.92 18.25
C GLY A 112 37.25 6.80 17.27
N THR A 113 36.78 5.62 17.59
CA THR A 113 36.94 4.45 16.74
C THR A 113 35.55 3.90 16.41
N TYR A 114 35.28 3.83 15.11
CA TYR A 114 33.97 3.33 14.69
C TYR A 114 34.15 1.97 14.02
N ASP A 115 33.20 1.08 14.32
CA ASP A 115 33.14 -0.18 13.60
C ASP A 115 32.51 0.09 12.23
N VAL A 116 33.04 -0.53 11.17
CA VAL A 116 32.28 -0.26 9.93
C VAL A 116 31.57 -1.53 9.52
N TYR A 117 30.33 -1.35 9.05
CA TYR A 117 29.48 -2.46 8.65
C TYR A 117 28.88 -2.20 7.27
N GLN A 118 28.49 -3.27 6.59
CA GLN A 118 27.74 -3.07 5.35
C GLN A 118 26.48 -3.93 5.37
N THR A 119 25.36 -3.37 4.90
CA THR A 119 24.16 -4.16 4.69
C THR A 119 23.55 -3.82 3.33
N THR A 120 22.75 -4.75 2.84
CA THR A 120 22.08 -4.63 1.55
C THR A 120 20.56 -4.63 1.74
N ARG A 121 19.96 -3.56 1.25
CA ARG A 121 18.51 -3.47 1.25
C ARG A 121 18.00 -3.91 -0.12
N VAL A 122 17.08 -4.87 -0.15
CA VAL A 122 16.55 -5.43 -1.38
C VAL A 122 15.11 -4.95 -1.64
N ASN A 123 14.94 -4.26 -2.76
CA ASN A 123 13.67 -3.69 -3.18
C ASN A 123 13.05 -2.86 -2.05
N ALA A 124 13.85 -1.94 -1.56
CA ALA A 124 13.52 -1.10 -0.41
C ALA A 124 13.32 0.34 -0.84
N PRO A 125 12.65 1.14 -0.02
CA PRO A 125 12.44 2.55 -0.35
C PRO A 125 13.75 3.32 -0.39
N SER A 126 13.88 4.26 -1.32
CA SER A 126 15.09 5.07 -1.38
C SER A 126 14.79 6.43 -2.00
N VAL A 127 15.83 7.24 -2.18
CA VAL A 127 15.66 8.56 -2.79
C VAL A 127 15.34 8.43 -4.27
N GLU A 128 15.61 7.24 -4.81
CA GLU A 128 15.39 6.87 -6.20
C GLU A 128 14.26 5.88 -6.38
N GLY A 129 13.47 5.71 -5.32
CA GLY A 129 12.31 4.84 -5.37
C GLY A 129 12.59 3.45 -4.82
N THR A 130 11.69 2.51 -5.06
CA THR A 130 11.92 1.13 -4.66
C THR A 130 13.19 0.61 -5.34
N LYS A 131 14.21 0.34 -4.54
CA LYS A 131 15.50 -0.04 -5.11
C LYS A 131 16.22 -1.07 -4.27
N THR A 132 17.19 -1.75 -4.86
CA THR A 132 18.13 -2.57 -4.09
C THR A 132 19.43 -1.76 -3.96
N PHE A 133 19.98 -1.71 -2.74
CA PHE A 133 21.17 -0.87 -2.58
C PHE A 133 21.90 -1.23 -1.29
N ASN A 134 23.13 -0.72 -1.18
CA ASN A 134 23.95 -0.94 -0.01
C ASN A 134 23.86 0.25 0.95
N GLN A 135 23.92 -0.12 2.22
CA GLN A 135 24.05 0.82 3.32
C GLN A 135 25.47 0.68 3.89
N TYR A 136 26.16 1.81 3.98
CA TYR A 136 27.45 1.84 4.65
C TYR A 136 27.26 2.44 6.04
N TRP A 137 27.87 1.78 7.03
CA TRP A 137 27.83 2.22 8.41
C TRP A 137 29.24 2.39 8.98
N SER A 138 29.35 3.39 9.81
CA SER A 138 30.35 3.63 10.84
C SER A 138 29.61 3.89 12.15
N VAL A 139 29.83 3.00 13.10
CA VAL A 139 29.19 3.09 14.40
C VAL A 139 30.27 3.22 15.47
N ARG A 140 30.25 4.38 16.12
CA ARG A 140 31.17 4.66 17.20
C ARG A 140 31.11 3.58 18.26
N GLN A 141 32.30 3.17 18.65
CA GLN A 141 32.42 2.11 19.65
C GLN A 141 31.95 2.59 21.01
N SER A 142 32.08 3.89 21.25
CA SER A 142 31.54 4.54 22.43
C SER A 142 30.59 5.67 22.07
N LYS A 143 29.44 5.69 22.74
CA LYS A 143 28.41 6.69 22.56
C LYS A 143 28.90 8.10 22.84
N ARG A 144 28.49 9.06 22.00
CA ARG A 144 28.66 10.44 22.46
C ARG A 144 27.69 11.38 21.72
N THR A 145 27.53 12.53 22.36
CA THR A 145 26.77 13.65 21.85
C THR A 145 27.67 14.89 21.80
N GLY A 146 28.19 15.13 20.61
CA GLY A 146 28.93 16.36 20.36
C GLY A 146 30.34 16.11 19.89
N GLY A 147 30.78 17.00 19.00
CA GLY A 147 32.11 17.03 18.47
C GLY A 147 32.15 17.21 16.96
N SER A 148 33.26 16.74 16.41
CA SER A 148 33.48 16.81 14.98
C SER A 148 33.35 15.44 14.36
N ILE A 149 32.71 15.42 13.20
CA ILE A 149 32.67 14.21 12.37
C ILE A 149 33.29 14.54 11.02
N THR A 150 34.54 14.12 10.83
CA THR A 150 35.22 14.44 9.58
C THR A 150 34.84 13.41 8.52
N ALA A 151 33.85 13.74 7.72
CA ALA A 151 33.13 12.85 6.84
C ALA A 151 34.04 12.06 5.92
N GLY A 152 34.99 12.77 5.33
CA GLY A 152 35.98 12.23 4.42
C GLY A 152 36.82 11.12 5.02
N ASN A 153 37.11 11.14 6.31
CA ASN A 153 37.86 10.02 6.92
C ASN A 153 37.03 8.75 6.80
N HIS A 154 35.71 8.91 6.93
CA HIS A 154 34.86 7.72 6.82
C HIS A 154 34.77 7.25 5.38
N PHE A 155 34.51 8.21 4.50
CA PHE A 155 34.50 7.96 3.07
C PHE A 155 35.74 7.20 2.62
N ASP A 156 36.92 7.66 3.00
CA ASP A 156 38.17 7.03 2.54
C ASP A 156 38.31 5.61 3.05
N ALA A 157 38.04 5.42 4.33
CA ALA A 157 38.12 4.10 4.96
C ALA A 157 37.14 3.13 4.31
N TRP A 158 35.91 3.60 4.09
CA TRP A 158 34.94 2.76 3.42
C TRP A 158 35.47 2.36 2.05
N ALA A 159 36.16 3.30 1.39
CA ALA A 159 36.63 3.00 0.03
C ALA A 159 37.67 1.89 0.08
N ARG A 160 38.54 1.98 1.08
CA ARG A 160 39.57 0.97 1.30
C ARG A 160 38.95 -0.40 1.54
N TYR A 161 37.73 -0.43 2.10
CA TYR A 161 37.08 -1.72 2.36
C TYR A 161 36.16 -2.16 1.22
N GLY A 162 36.32 -1.56 0.04
CA GLY A 162 35.56 -1.91 -1.13
C GLY A 162 34.16 -1.32 -1.16
N MET A 163 33.97 -0.24 -0.41
CA MET A 163 32.65 0.38 -0.27
C MET A 163 32.75 1.77 -0.90
N PRO A 164 32.47 1.78 -2.20
CA PRO A 164 32.56 3.00 -2.98
C PRO A 164 31.28 3.82 -2.84
N LEU A 165 31.47 5.14 -2.86
CA LEU A 165 30.37 6.08 -2.75
C LEU A 165 30.10 6.67 -4.11
N GLY A 166 28.84 7.03 -4.37
CA GLY A 166 28.52 7.67 -5.63
C GLY A 166 28.56 9.19 -5.46
N SER A 167 27.81 9.80 -6.36
CA SER A 167 27.63 11.22 -6.55
C SER A 167 26.77 11.80 -5.45
N PHE A 168 27.18 12.94 -4.90
CA PHE A 168 26.44 13.49 -3.77
C PHE A 168 25.22 14.27 -4.26
N ASN A 169 24.35 13.58 -4.98
CA ASN A 169 23.18 14.20 -5.57
C ASN A 169 22.07 14.47 -4.56
N TYR A 170 22.20 13.88 -3.38
CA TYR A 170 21.22 14.07 -2.31
C TYR A 170 21.83 14.65 -1.04
N TYR A 171 20.93 14.89 -0.11
CA TYR A 171 21.22 15.50 1.18
C TYR A 171 22.24 14.69 1.99
N MET A 172 22.70 15.37 3.00
CA MET A 172 23.52 15.01 4.13
C MET A 172 23.04 15.84 5.33
N ILE A 173 22.41 15.18 6.28
CA ILE A 173 21.93 15.80 7.49
C ILE A 173 22.52 15.20 8.75
N MET A 174 22.64 16.02 9.78
CA MET A 174 22.96 15.48 11.11
C MET A 174 21.63 15.10 11.74
N ALA A 175 21.33 13.81 11.69
CA ALA A 175 19.99 13.33 11.94
C ALA A 175 19.77 12.64 13.28
N THR A 176 18.52 12.82 13.74
CA THR A 176 17.84 12.05 14.75
C THR A 176 16.85 11.12 14.00
N GLU A 177 16.97 9.85 14.32
CA GLU A 177 16.14 8.81 13.75
C GLU A 177 15.66 7.89 14.88
N GLY A 178 14.37 7.58 14.84
CA GLY A 178 13.86 6.65 15.85
C GLY A 178 13.00 5.55 15.25
N TYR A 179 12.87 4.45 15.98
CA TYR A 179 12.05 3.32 15.60
C TYR A 179 11.37 2.71 16.83
N GLN A 180 10.04 2.67 16.80
CA GLN A 180 9.17 2.13 17.84
C GLN A 180 9.66 2.56 19.22
N SER A 181 9.58 3.85 19.50
CA SER A 181 10.09 4.34 20.78
C SER A 181 9.66 5.78 21.04
N SER A 182 10.18 6.36 22.12
CA SER A 182 9.91 7.75 22.47
C SER A 182 11.21 8.48 22.76
N GLY A 183 11.12 9.80 22.87
CA GLY A 183 12.27 10.57 23.29
C GLY A 183 12.32 11.98 22.73
N SER A 184 13.51 12.56 22.80
CA SER A 184 13.77 13.90 22.32
C SER A 184 15.25 14.08 22.03
N SER A 185 15.55 15.12 21.27
CA SER A 185 16.89 15.56 20.93
C SER A 185 16.88 17.05 20.64
N SER A 186 18.04 17.66 20.84
CA SER A 186 18.27 19.06 20.54
C SER A 186 19.70 19.22 20.06
N ILE A 187 19.84 19.54 18.76
CA ILE A 187 21.21 19.54 18.26
C ILE A 187 21.46 20.75 17.38
N SER A 188 22.66 21.31 17.48
CA SER A 188 23.01 22.42 16.60
C SER A 188 24.18 22.08 15.68
N VAL B 3 -30.08 -11.47 -28.73
CA VAL B 3 -28.97 -10.54 -28.62
C VAL B 3 -29.52 -9.16 -28.26
N ILE B 4 -29.32 -8.80 -27.00
CA ILE B 4 -29.87 -7.66 -26.30
C ILE B 4 -28.80 -6.62 -26.00
N THR B 5 -29.24 -5.38 -26.13
CA THR B 5 -28.51 -4.13 -26.20
C THR B 5 -29.07 -3.04 -25.31
N THR B 6 -30.18 -3.23 -24.61
CA THR B 6 -30.80 -2.14 -23.85
C THR B 6 -31.24 -2.61 -22.47
N ASN B 7 -31.20 -1.71 -21.51
CA ASN B 7 -31.61 -1.98 -20.13
C ASN B 7 -32.92 -2.76 -20.10
N GLN B 8 -32.93 -3.82 -19.30
CA GLN B 8 -34.12 -4.64 -19.14
C GLN B 8 -33.82 -5.75 -18.14
N THR B 9 -34.88 -6.36 -17.65
CA THR B 9 -34.85 -7.52 -16.76
C THR B 9 -35.96 -8.47 -17.18
N GLY B 10 -35.92 -9.75 -16.86
CA GLY B 10 -37.03 -10.62 -17.22
C GLY B 10 -36.70 -12.08 -17.00
N THR B 11 -37.44 -12.98 -17.67
CA THR B 11 -37.08 -14.39 -17.59
C THR B 11 -36.75 -14.93 -18.98
N ASN B 12 -35.66 -15.68 -19.05
CA ASN B 12 -35.26 -16.26 -20.33
C ASN B 12 -34.92 -17.74 -20.09
N ASN B 13 -35.59 -18.59 -20.84
CA ASN B 13 -35.41 -20.03 -20.73
C ASN B 13 -35.46 -20.48 -19.28
N GLY B 14 -36.35 -19.86 -18.51
CA GLY B 14 -36.63 -20.19 -17.13
C GLY B 14 -35.68 -19.61 -16.12
N TYR B 15 -34.80 -18.70 -16.51
CA TYR B 15 -33.94 -18.05 -15.54
C TYR B 15 -34.19 -16.56 -15.43
N TYR B 16 -34.13 -16.04 -14.19
CA TYR B 16 -34.14 -14.58 -14.08
C TYR B 16 -32.95 -14.07 -14.89
N TYR B 17 -33.08 -12.90 -15.52
CA TYR B 17 -31.93 -12.27 -16.13
C TYR B 17 -32.05 -10.76 -15.94
N SER B 18 -30.91 -10.11 -15.99
CA SER B 18 -30.81 -8.67 -15.92
C SER B 18 -29.68 -8.19 -16.82
N PHE B 19 -29.95 -7.11 -17.51
CA PHE B 19 -29.01 -6.43 -18.37
C PHE B 19 -28.99 -4.95 -18.02
N TRP B 20 -27.77 -4.44 -17.81
CA TRP B 20 -27.63 -3.02 -17.53
C TRP B 20 -26.34 -2.47 -18.10
N THR B 21 -26.46 -1.28 -18.67
CA THR B 21 -25.38 -0.48 -19.20
C THR B 21 -25.71 1.01 -19.05
N ASP B 22 -24.67 1.83 -18.99
CA ASP B 22 -24.80 3.28 -18.92
C ASP B 22 -24.69 3.88 -20.31
N GLY B 23 -24.70 3.02 -21.32
CA GLY B 23 -24.70 3.45 -22.71
C GLY B 23 -23.36 3.62 -23.35
N GLY B 24 -22.29 3.39 -22.58
CA GLY B 24 -20.93 3.55 -23.09
C GLY B 24 -20.59 2.52 -24.15
N GLY B 25 -20.01 2.97 -25.27
CA GLY B 25 -19.61 2.07 -26.33
C GLY B 25 -20.68 1.08 -26.73
N SER B 26 -20.25 -0.11 -27.17
CA SER B 26 -21.20 -1.14 -27.58
C SER B 26 -21.13 -2.33 -26.63
N VAL B 27 -22.31 -2.71 -26.16
CA VAL B 27 -22.45 -3.80 -25.21
C VAL B 27 -23.63 -4.69 -25.59
N SER B 28 -23.34 -5.99 -25.74
CA SER B 28 -24.45 -6.89 -26.04
C SER B 28 -24.42 -8.12 -25.14
N MET B 29 -25.62 -8.58 -24.81
CA MET B 29 -25.80 -9.79 -24.03
C MET B 29 -26.67 -10.75 -24.84
N ASN B 30 -26.10 -11.93 -25.07
CA ASN B 30 -26.80 -13.00 -25.79
C ASN B 30 -27.59 -13.82 -24.78
N LEU B 31 -28.90 -13.98 -25.01
CA LEU B 31 -29.69 -14.84 -24.14
C LEU B 31 -29.77 -16.25 -24.71
N ALA B 32 -29.16 -17.21 -24.04
CA ALA B 32 -29.08 -18.55 -24.60
C ALA B 32 -29.90 -19.56 -23.80
N SER B 33 -29.80 -20.81 -24.18
CA SER B 33 -30.50 -21.94 -23.59
C SER B 33 -30.35 -21.93 -22.06
N GLY B 34 -31.40 -22.33 -21.38
CA GLY B 34 -31.49 -22.46 -19.94
C GLY B 34 -30.80 -21.33 -19.19
N GLY B 35 -29.80 -21.70 -18.39
CA GLY B 35 -29.09 -20.76 -17.57
C GLY B 35 -27.87 -20.16 -18.25
N SER B 36 -27.90 -20.09 -19.57
CA SER B 36 -26.72 -19.58 -20.25
C SER B 36 -26.93 -18.20 -20.86
N TYR B 37 -25.84 -17.45 -20.84
CA TYR B 37 -25.81 -16.16 -21.51
C TYR B 37 -24.38 -15.93 -21.99
N GLY B 38 -24.27 -14.94 -22.86
CA GLY B 38 -23.00 -14.43 -23.36
C GLY B 38 -23.04 -12.91 -23.39
N THR B 39 -21.86 -12.33 -23.31
CA THR B 39 -21.75 -10.89 -23.47
C THR B 39 -20.59 -10.58 -24.42
N SER B 40 -20.78 -9.46 -25.11
CA SER B 40 -19.66 -9.01 -25.95
C SER B 40 -19.58 -7.50 -25.76
N TRP B 41 -18.36 -6.98 -25.59
CA TRP B 41 -18.38 -5.52 -25.43
C TRP B 41 -17.13 -4.87 -25.98
N THR B 42 -17.36 -3.66 -26.48
CA THR B 42 -16.32 -2.82 -27.08
C THR B 42 -16.35 -1.42 -26.45
N ASN B 43 -15.26 -1.10 -25.76
CA ASN B 43 -15.07 0.21 -25.16
C ASN B 43 -16.25 0.63 -24.29
N CYS B 44 -16.75 -0.28 -23.44
CA CYS B 44 -17.93 0.03 -22.66
C CYS B 44 -17.66 1.15 -21.65
N GLY B 45 -18.73 1.73 -21.15
CA GLY B 45 -18.67 2.70 -20.06
C GLY B 45 -18.70 1.88 -18.76
N ASN B 46 -19.90 1.58 -18.30
CA ASN B 46 -20.16 0.62 -17.23
C ASN B 46 -21.32 -0.28 -17.66
N PHE B 47 -21.20 -1.58 -17.44
CA PHE B 47 -22.31 -2.48 -17.71
C PHE B 47 -22.24 -3.66 -16.74
N VAL B 48 -23.41 -4.20 -16.44
CA VAL B 48 -23.58 -5.43 -15.67
C VAL B 48 -24.59 -6.33 -16.36
N ALA B 49 -24.20 -7.58 -16.56
CA ALA B 49 -25.10 -8.52 -17.22
C ALA B 49 -25.04 -9.89 -16.57
N GLY B 50 -26.18 -10.56 -16.43
CA GLY B 50 -26.07 -11.94 -15.96
C GLY B 50 -27.40 -12.65 -15.87
N LYS B 51 -27.30 -13.94 -15.57
CA LYS B 51 -28.49 -14.74 -15.31
C LYS B 51 -28.45 -15.21 -13.86
N GLY B 52 -29.62 -15.50 -13.32
CA GLY B 52 -29.71 -15.92 -11.93
C GLY B 52 -31.14 -16.00 -11.44
N TRP B 53 -31.41 -15.22 -10.40
CA TRP B 53 -32.65 -15.25 -9.64
C TRP B 53 -33.17 -13.84 -9.36
N ALA B 54 -34.49 -13.74 -9.30
CA ALA B 54 -35.23 -12.53 -9.01
C ALA B 54 -34.95 -12.00 -7.61
N ASN B 55 -34.76 -12.96 -6.70
CA ASN B 55 -34.50 -12.64 -5.30
C ASN B 55 -33.30 -13.42 -4.78
N GLY B 56 -32.48 -12.77 -3.96
CA GLY B 56 -31.35 -13.47 -3.35
C GLY B 56 -31.77 -14.54 -2.37
N ALA B 57 -30.79 -15.39 -2.01
CA ALA B 57 -31.06 -16.40 -1.01
C ALA B 57 -29.78 -17.14 -0.64
N ARG B 58 -29.89 -18.02 0.36
CA ARG B 58 -28.81 -18.94 0.69
C ARG B 58 -28.82 -20.06 -0.35
N ARG B 59 -28.02 -19.90 -1.41
CA ARG B 59 -28.07 -20.96 -2.40
C ARG B 59 -26.68 -21.44 -2.82
N THR B 60 -26.66 -22.61 -3.45
CA THR B 60 -25.39 -23.05 -4.03
C THR B 60 -25.46 -22.83 -5.54
N VAL B 61 -24.82 -21.78 -6.00
CA VAL B 61 -24.70 -21.31 -7.36
C VAL B 61 -23.55 -22.04 -8.07
N ASN B 62 -23.91 -22.73 -9.13
CA ASN B 62 -22.90 -23.43 -9.94
C ASN B 62 -22.81 -22.75 -11.29
N TYR B 63 -21.59 -22.57 -11.79
CA TYR B 63 -21.49 -21.94 -13.11
C TYR B 63 -20.28 -22.51 -13.85
N SER B 64 -20.29 -22.32 -15.16
CA SER B 64 -19.22 -22.72 -16.04
C SER B 64 -19.10 -21.80 -17.25
N GLY B 65 -17.94 -21.85 -17.89
CA GLY B 65 -17.75 -21.23 -19.17
C GLY B 65 -16.45 -20.52 -19.41
N SER B 66 -16.56 -19.38 -20.11
CA SER B 66 -15.46 -18.55 -20.51
C SER B 66 -15.68 -17.09 -20.13
N PHE B 67 -14.59 -16.46 -19.72
CA PHE B 67 -14.46 -15.07 -19.38
C PHE B 67 -13.21 -14.50 -20.02
N ASN B 68 -13.33 -13.59 -20.98
CA ASN B 68 -12.17 -13.08 -21.69
C ASN B 68 -12.16 -11.56 -21.77
N PRO B 69 -11.72 -10.91 -20.69
CA PRO B 69 -11.69 -9.45 -20.68
C PRO B 69 -10.42 -8.89 -21.29
N SER B 70 -10.58 -7.75 -21.94
CA SER B 70 -9.52 -6.86 -22.40
C SER B 70 -9.65 -5.52 -21.67
N GLY B 71 -9.10 -5.47 -20.46
CA GLY B 71 -9.22 -4.30 -19.59
C GLY B 71 -9.98 -4.65 -18.32
N ASN B 72 -10.68 -3.71 -17.71
CA ASN B 72 -11.33 -3.98 -16.44
C ASN B 72 -12.70 -4.65 -16.58
N ALA B 73 -12.83 -5.78 -15.91
CA ALA B 73 -14.05 -6.58 -15.93
C ALA B 73 -14.03 -7.61 -14.81
N TYR B 74 -15.19 -7.93 -14.29
CA TYR B 74 -15.30 -8.88 -13.20
C TYR B 74 -16.23 -10.04 -13.57
N LEU B 75 -15.94 -11.21 -13.02
CA LEU B 75 -16.93 -12.30 -13.11
C LEU B 75 -17.33 -12.62 -11.68
N THR B 76 -18.58 -12.32 -11.34
CA THR B 76 -18.95 -12.27 -9.94
C THR B 76 -20.40 -12.61 -9.65
N LEU B 77 -20.62 -13.38 -8.58
CA LEU B 77 -21.98 -13.46 -8.06
C LEU B 77 -22.29 -12.05 -7.55
N TYR B 78 -23.51 -11.58 -7.76
CA TYR B 78 -23.80 -10.16 -7.60
C TYR B 78 -25.23 -9.94 -7.14
N GLY B 79 -25.43 -9.03 -6.21
CA GLY B 79 -26.80 -8.82 -5.74
C GLY B 79 -26.92 -7.63 -4.79
N TRP B 80 -28.13 -7.42 -4.30
CA TRP B 80 -28.44 -6.34 -3.37
C TRP B 80 -29.41 -6.83 -2.28
N THR B 81 -29.30 -6.20 -1.11
CA THR B 81 -30.26 -6.39 -0.04
C THR B 81 -30.86 -5.03 0.32
N ALA B 82 -31.91 -5.11 1.12
CA ALA B 82 -32.55 -3.96 1.71
C ALA B 82 -32.48 -4.03 3.23
N ASN B 83 -32.45 -2.87 3.88
CA ASN B 83 -32.53 -2.82 5.33
C ASN B 83 -31.49 -3.67 6.05
N PRO B 84 -30.20 -3.37 5.95
CA PRO B 84 -29.67 -2.25 5.17
C PRO B 84 -29.49 -2.48 3.67
N LEU B 85 -29.38 -1.33 2.98
CA LEU B 85 -29.11 -1.39 1.55
C LEU B 85 -27.65 -1.73 1.30
N VAL B 86 -27.38 -2.85 0.65
CA VAL B 86 -26.00 -3.22 0.36
C VAL B 86 -25.92 -3.93 -0.99
N GLU B 87 -24.87 -3.61 -1.71
CA GLU B 87 -24.42 -4.20 -2.96
C GLU B 87 -23.33 -5.22 -2.66
N TYR B 88 -23.52 -6.49 -3.02
CA TYR B 88 -22.50 -7.47 -2.64
C TYR B 88 -21.95 -8.20 -3.87
N TYR B 89 -20.72 -8.67 -3.73
CA TYR B 89 -19.97 -9.31 -4.77
C TYR B 89 -19.24 -10.56 -4.29
N ILE B 90 -19.34 -11.63 -5.05
CA ILE B 90 -18.40 -12.74 -4.83
C ILE B 90 -17.75 -12.94 -6.21
N VAL B 91 -16.53 -12.49 -6.34
CA VAL B 91 -15.69 -12.37 -7.52
C VAL B 91 -14.70 -13.54 -7.61
N ASP B 92 -14.85 -14.33 -8.67
CA ASP B 92 -14.02 -15.47 -8.97
C ASP B 92 -12.97 -15.15 -10.01
N ASN B 93 -13.20 -14.11 -10.79
CA ASN B 93 -12.25 -13.71 -11.83
C ASN B 93 -12.33 -12.22 -12.13
N TRP B 94 -11.25 -11.71 -12.71
CA TRP B 94 -11.16 -10.30 -13.05
C TRP B 94 -10.11 -10.08 -14.13
N GLY B 95 -10.17 -8.89 -14.69
CA GLY B 95 -9.34 -8.39 -15.76
C GLY B 95 -8.05 -7.75 -15.34
N THR B 96 -7.82 -6.51 -15.77
CA THR B 96 -6.57 -5.81 -15.48
C THR B 96 -6.62 -5.10 -14.13
N TYR B 97 -7.79 -5.11 -13.50
CA TYR B 97 -7.97 -4.49 -12.18
C TYR B 97 -8.53 -5.51 -11.20
N ARG B 98 -7.88 -5.67 -10.06
CA ARG B 98 -8.42 -6.62 -9.07
C ARG B 98 -9.24 -5.81 -8.07
N PRO B 99 -10.50 -6.17 -7.87
CA PRO B 99 -11.36 -5.43 -6.92
C PRO B 99 -10.72 -5.37 -5.54
N THR B 100 -10.71 -4.18 -4.97
CA THR B 100 -10.11 -3.98 -3.65
C THR B 100 -10.94 -3.03 -2.81
N GLY B 101 -10.49 -2.81 -1.57
CA GLY B 101 -11.15 -1.86 -0.70
C GLY B 101 -10.49 -1.87 0.66
N THR B 102 -11.30 -1.70 1.69
CA THR B 102 -10.79 -1.83 3.06
C THR B 102 -10.70 -3.31 3.42
N TYR B 103 -9.47 -3.81 3.59
CA TYR B 103 -9.25 -5.22 3.89
C TYR B 103 -9.81 -5.59 5.26
N LYS B 104 -10.63 -6.63 5.30
CA LYS B 104 -11.26 -7.15 6.50
C LYS B 104 -10.66 -8.49 6.93
N GLY B 105 -10.32 -9.28 5.92
CA GLY B 105 -9.76 -10.60 6.14
C GLY B 105 -10.01 -11.54 4.99
N THR B 106 -10.40 -12.79 5.28
CA THR B 106 -10.57 -13.75 4.22
C THR B 106 -11.71 -14.71 4.52
N VAL B 107 -12.15 -15.42 3.50
CA VAL B 107 -13.11 -16.50 3.72
C VAL B 107 -12.74 -17.68 2.81
N THR B 108 -12.94 -18.89 3.32
CA THR B 108 -12.65 -20.08 2.55
C THR B 108 -13.93 -20.84 2.21
N SER B 109 -14.11 -21.07 0.92
CA SER B 109 -15.36 -21.66 0.43
C SER B 109 -15.19 -22.23 -0.98
N ASP B 110 -15.90 -23.32 -1.22
CA ASP B 110 -15.92 -23.94 -2.55
C ASP B 110 -14.51 -24.15 -3.07
N GLY B 111 -13.69 -24.73 -2.19
CA GLY B 111 -12.32 -25.06 -2.52
C GLY B 111 -11.47 -23.86 -2.82
N GLY B 112 -11.91 -22.68 -2.40
CA GLY B 112 -11.02 -21.54 -2.63
C GLY B 112 -10.77 -20.76 -1.34
N THR B 113 -9.89 -19.76 -1.43
CA THR B 113 -9.73 -18.79 -0.36
C THR B 113 -9.97 -17.39 -0.91
N TYR B 114 -10.92 -16.67 -0.32
CA TYR B 114 -11.24 -15.34 -0.80
C TYR B 114 -10.87 -14.26 0.22
N ASP B 115 -10.35 -13.15 -0.28
CA ASP B 115 -10.13 -11.96 0.50
C ASP B 115 -11.43 -11.18 0.67
N VAL B 116 -11.71 -10.67 1.88
CA VAL B 116 -12.94 -9.87 1.92
C VAL B 116 -12.59 -8.40 2.13
N TYR B 117 -13.31 -7.54 1.42
CA TYR B 117 -13.13 -6.11 1.44
C TYR B 117 -14.47 -5.44 1.70
N GLN B 118 -14.42 -4.22 2.20
CA GLN B 118 -15.61 -3.39 2.26
C GLN B 118 -15.30 -2.02 1.69
N THR B 119 -16.24 -1.45 0.95
CA THR B 119 -16.11 -0.06 0.50
C THR B 119 -17.48 0.61 0.64
N THR B 120 -17.50 1.90 0.40
CA THR B 120 -18.70 2.72 0.57
C THR B 120 -18.95 3.60 -0.65
N ARG B 121 -20.17 3.52 -1.15
CA ARG B 121 -20.59 4.41 -2.23
C ARG B 121 -21.43 5.54 -1.64
N VAL B 122 -21.08 6.78 -2.02
CA VAL B 122 -21.79 7.95 -1.50
C VAL B 122 -22.64 8.60 -2.59
N ASN B 123 -23.95 8.64 -2.34
CA ASN B 123 -24.93 9.21 -3.25
C ASN B 123 -24.76 8.65 -4.65
N ALA B 124 -24.75 7.33 -4.73
CA ALA B 124 -24.55 6.63 -5.99
C ALA B 124 -25.81 5.88 -6.41
N PRO B 125 -25.96 5.59 -7.69
CA PRO B 125 -27.12 4.81 -8.14
C PRO B 125 -27.19 3.47 -7.42
N SER B 126 -28.41 2.99 -7.23
CA SER B 126 -28.66 1.74 -6.52
C SER B 126 -30.08 1.24 -6.83
N VAL B 127 -30.45 0.08 -6.32
CA VAL B 127 -31.78 -0.47 -6.59
C VAL B 127 -32.85 0.29 -5.81
N GLU B 128 -32.42 1.10 -4.86
CA GLU B 128 -33.25 1.95 -4.01
C GLU B 128 -33.08 3.43 -4.33
N GLY B 129 -32.45 3.76 -5.45
CA GLY B 129 -32.28 5.12 -5.91
C GLY B 129 -30.93 5.70 -5.53
N THR B 130 -30.73 6.99 -5.77
CA THR B 130 -29.49 7.67 -5.41
C THR B 130 -29.27 7.58 -3.91
N LYS B 131 -28.24 6.82 -3.50
CA LYS B 131 -28.10 6.47 -2.10
C LYS B 131 -26.63 6.28 -1.74
N THR B 132 -26.36 6.39 -0.44
CA THR B 132 -25.10 5.99 0.16
C THR B 132 -25.27 4.58 0.71
N PHE B 133 -24.27 3.73 0.48
CA PHE B 133 -24.43 2.36 0.95
C PHE B 133 -23.10 1.62 0.99
N ASN B 134 -23.05 0.52 1.73
CA ASN B 134 -21.84 -0.29 1.76
C ASN B 134 -21.87 -1.33 0.63
N GLN B 135 -20.66 -1.66 0.18
CA GLN B 135 -20.45 -2.74 -0.78
C GLN B 135 -19.59 -3.80 -0.09
N TYR B 136 -20.08 -5.04 -0.05
CA TYR B 136 -19.33 -6.13 0.53
C TYR B 136 -18.67 -6.94 -0.59
N TRP B 137 -17.40 -7.28 -0.41
CA TRP B 137 -16.67 -8.02 -1.40
C TRP B 137 -15.97 -9.26 -0.86
N SER B 138 -16.04 -10.32 -1.65
CA SER B 138 -15.25 -11.52 -1.64
C SER B 138 -14.60 -11.70 -3.00
N VAL B 139 -13.27 -11.75 -2.99
CA VAL B 139 -12.45 -11.78 -4.19
C VAL B 139 -11.47 -12.93 -4.11
N ARG B 140 -11.64 -13.92 -4.99
CA ARG B 140 -10.78 -15.08 -5.00
C ARG B 140 -9.31 -14.69 -5.04
N GLN B 141 -8.51 -15.40 -4.22
CA GLN B 141 -7.08 -15.12 -4.23
C GLN B 141 -6.51 -15.52 -5.58
N SER B 142 -7.09 -16.55 -6.18
CA SER B 142 -6.71 -16.97 -7.52
C SER B 142 -7.90 -16.99 -8.46
N LYS B 143 -7.71 -16.48 -9.67
CA LYS B 143 -8.71 -16.43 -10.72
C LYS B 143 -9.25 -17.81 -11.10
N ARG B 144 -10.56 -17.90 -11.32
CA ARG B 144 -11.08 -19.08 -12.01
C ARG B 144 -12.37 -18.73 -12.75
N THR B 145 -12.67 -19.63 -13.68
CA THR B 145 -13.90 -19.62 -14.44
C THR B 145 -14.57 -20.98 -14.36
N GLY B 146 -15.51 -21.10 -13.44
CA GLY B 146 -16.29 -22.30 -13.24
C GLY B 146 -16.15 -22.84 -11.83
N GLY B 147 -17.24 -23.42 -11.34
CA GLY B 147 -17.31 -24.12 -10.08
C GLY B 147 -18.60 -23.80 -9.34
N SER B 148 -18.58 -23.98 -8.02
CA SER B 148 -19.75 -23.60 -7.23
C SER B 148 -19.41 -22.39 -6.35
N ILE B 149 -20.42 -21.61 -6.07
CA ILE B 149 -20.27 -20.50 -5.13
C ILE B 149 -21.31 -20.65 -4.02
N THR B 150 -20.84 -21.03 -2.83
CA THR B 150 -21.78 -21.23 -1.72
C THR B 150 -22.05 -19.89 -1.05
N ALA B 151 -23.15 -19.25 -1.46
CA ALA B 151 -23.47 -17.89 -1.10
C ALA B 151 -23.33 -17.67 0.41
N GLY B 152 -24.05 -18.49 1.14
CA GLY B 152 -24.14 -18.50 2.57
C GLY B 152 -22.82 -18.48 3.29
N ASN B 153 -21.78 -19.10 2.72
CA ASN B 153 -20.49 -19.11 3.41
C ASN B 153 -19.94 -17.69 3.46
N HIS B 154 -20.16 -16.96 2.37
CA HIS B 154 -19.71 -15.58 2.28
C HIS B 154 -20.52 -14.73 3.23
N PHE B 155 -21.85 -14.90 3.19
CA PHE B 155 -22.71 -14.11 4.07
C PHE B 155 -22.29 -14.27 5.53
N ASP B 156 -22.03 -15.49 5.97
CA ASP B 156 -21.67 -15.77 7.36
C ASP B 156 -20.33 -15.14 7.75
N ALA B 157 -19.35 -15.21 6.86
CA ALA B 157 -18.04 -14.63 7.11
C ALA B 157 -18.11 -13.11 7.21
N TRP B 158 -18.84 -12.50 6.28
CA TRP B 158 -18.97 -11.05 6.31
C TRP B 158 -19.60 -10.60 7.63
N ALA B 159 -20.60 -11.34 8.10
CA ALA B 159 -21.28 -11.02 9.35
C ALA B 159 -20.32 -11.04 10.52
N ARG B 160 -19.41 -12.03 10.51
CA ARG B 160 -18.41 -12.16 11.55
C ARG B 160 -17.44 -10.99 11.51
N TYR B 161 -17.29 -10.39 10.34
CA TYR B 161 -16.43 -9.21 10.21
C TYR B 161 -17.19 -7.91 10.40
N GLY B 162 -18.41 -8.00 10.92
CA GLY B 162 -19.23 -6.83 11.19
C GLY B 162 -19.90 -6.26 9.95
N MET B 163 -20.11 -7.10 8.95
CA MET B 163 -20.76 -6.67 7.71
C MET B 163 -22.06 -7.44 7.52
N PRO B 164 -23.12 -6.90 8.10
CA PRO B 164 -24.43 -7.53 8.08
C PRO B 164 -25.16 -7.20 6.78
N LEU B 165 -25.99 -8.12 6.32
CA LEU B 165 -26.75 -7.96 5.10
C LEU B 165 -28.20 -7.65 5.46
N GLY B 166 -28.92 -6.97 4.58
CA GLY B 166 -30.35 -6.80 4.76
C GLY B 166 -31.13 -8.00 4.25
N SER B 167 -32.39 -7.73 3.96
CA SER B 167 -33.42 -8.54 3.34
C SER B 167 -33.09 -8.78 1.88
N PHE B 168 -33.35 -9.97 1.34
CA PHE B 168 -32.98 -10.21 -0.06
C PHE B 168 -34.15 -9.82 -0.97
N ASN B 169 -34.53 -8.54 -0.91
CA ASN B 169 -35.62 -8.03 -1.72
C ASN B 169 -35.31 -7.94 -3.21
N TYR B 170 -34.07 -8.23 -3.57
CA TYR B 170 -33.54 -8.02 -4.89
C TYR B 170 -32.80 -9.21 -5.47
N TYR B 171 -32.42 -9.03 -6.74
CA TYR B 171 -31.83 -10.10 -7.52
C TYR B 171 -30.48 -10.54 -6.96
N MET B 172 -30.07 -11.69 -7.42
CA MET B 172 -28.80 -12.37 -7.29
C MET B 172 -28.47 -13.02 -8.65
N ILE B 173 -27.47 -12.46 -9.31
CA ILE B 173 -27.07 -12.94 -10.63
C ILE B 173 -25.60 -13.31 -10.68
N MET B 174 -25.31 -14.34 -11.47
CA MET B 174 -23.96 -14.69 -11.85
C MET B 174 -23.57 -13.83 -13.06
N ALA B 175 -22.88 -12.74 -12.80
CA ALA B 175 -22.72 -11.67 -13.77
C ALA B 175 -21.31 -11.48 -14.29
N THR B 176 -21.26 -10.91 -15.48
CA THR B 176 -20.14 -10.29 -16.12
C THR B 176 -20.36 -8.77 -16.03
N GLU B 177 -19.38 -8.10 -15.45
CA GLU B 177 -19.45 -6.64 -15.34
C GLU B 177 -18.22 -6.01 -15.97
N GLY B 178 -18.45 -4.94 -16.72
CA GLY B 178 -17.36 -4.28 -17.39
C GLY B 178 -17.32 -2.80 -17.05
N TYR B 179 -16.12 -2.25 -17.11
CA TYR B 179 -15.86 -0.83 -16.93
C TYR B 179 -14.70 -0.37 -17.81
N GLN B 180 -15.00 0.60 -18.66
CA GLN B 180 -14.10 1.19 -19.63
C GLN B 180 -13.12 0.16 -20.20
N SER B 181 -13.68 -0.81 -20.91
CA SER B 181 -12.83 -1.85 -21.50
C SER B 181 -13.56 -2.63 -22.57
N SER B 182 -12.93 -3.69 -23.07
CA SER B 182 -13.57 -4.59 -24.01
C SER B 182 -13.37 -6.05 -23.61
N GLY B 183 -14.20 -6.90 -24.20
CA GLY B 183 -14.05 -8.33 -24.05
C GLY B 183 -15.30 -9.11 -24.43
N SER B 184 -15.38 -10.30 -23.87
CA SER B 184 -16.51 -11.19 -24.02
C SER B 184 -16.53 -12.15 -22.84
N SER B 185 -17.69 -12.74 -22.62
CA SER B 185 -17.90 -13.75 -21.60
C SER B 185 -18.91 -14.79 -22.09
N SER B 186 -18.85 -15.98 -21.52
CA SER B 186 -19.82 -17.02 -21.88
C SER B 186 -20.05 -17.95 -20.70
N ILE B 187 -21.20 -17.79 -20.07
CA ILE B 187 -21.49 -18.38 -18.77
C ILE B 187 -22.81 -19.13 -18.71
N SER B 188 -22.79 -20.33 -18.12
CA SER B 188 -24.03 -21.03 -17.80
C SER B 188 -24.13 -21.20 -16.27
N VAL B 189 -25.27 -20.83 -15.72
CA VAL B 189 -25.44 -20.91 -14.27
C VAL B 189 -26.53 -21.92 -13.92
#